data_3R2I
#
_entry.id   3R2I
#
_cell.length_a   62.614
_cell.length_b   62.614
_cell.length_c   129.075
_cell.angle_alpha   90.00
_cell.angle_beta   90.00
_cell.angle_gamma   90.00
#
_symmetry.space_group_name_H-M   'P 43 21 2'
#
loop_
_entity.id
_entity.type
_entity.pdbx_description
1 polymer 'Exotoxin 5'
2 water water
#
_entity_poly.entity_id   1
_entity_poly.type   'polypeptide(L)'
_entity_poly.pdbx_seq_one_letter_code
;MGSSHHHHHHENLYFQGMKLTTIAKATLALGILTTGVFTAESQTGHAKVELDETQRKYYINMLHQYYSEESFEPTNISVK
SEDYYGSNVLNFKQRNKAFKVFLLGDDKNKYKEKTHGLDVFAVPELIDIKGGIYSVGGITKKNVRSVFGFVSNPSLQVKK
VDAKNGFSINELFFIQKEEVSLKELDFKIRKLLIEKYRLYKGTSDKGRIVINMKDEKKHEIDLSEKLSFERMFDVMDSKQ
IKNIEVNLN
;
_entity_poly.pdbx_strand_id   A
#
# COMPACT_ATOMS: atom_id res chain seq x y z
N ARG A 56 -13.44 15.40 4.81
CA ARG A 56 -14.00 16.79 4.66
C ARG A 56 -12.87 17.76 4.26
N LYS A 57 -13.09 19.06 4.42
CA LYS A 57 -12.12 20.10 4.07
C LYS A 57 -10.68 19.71 4.48
N TYR A 58 -10.41 19.61 5.79
CA TYR A 58 -9.07 19.27 6.30
C TYR A 58 -8.70 17.78 6.13
N TYR A 59 -9.69 16.89 6.19
CA TYR A 59 -9.44 15.46 6.05
C TYR A 59 -8.95 15.10 4.62
N ILE A 60 -9.56 15.71 3.59
CA ILE A 60 -9.17 15.53 2.19
C ILE A 60 -7.74 16.08 1.88
N ASN A 61 -7.37 17.21 2.49
CA ASN A 61 -6.03 17.76 2.35
C ASN A 61 -5.06 16.75 2.96
N MET A 62 -5.48 16.12 4.04
CA MET A 62 -4.68 15.10 4.71
C MET A 62 -4.47 13.89 3.79
N LEU A 63 -5.54 13.41 3.21
CA LEU A 63 -5.46 12.29 2.26
C LEU A 63 -4.51 12.61 1.11
N HIS A 64 -4.65 13.79 0.55
CA HIS A 64 -3.81 14.23 -0.55
C HIS A 64 -2.36 14.26 -0.13
N GLN A 65 -2.07 14.81 1.04
CA GLN A 65 -0.70 14.85 1.49
C GLN A 65 -0.20 13.46 1.73
N TYR A 66 -0.99 12.63 2.38
CA TYR A 66 -0.53 11.28 2.70
C TYR A 66 -0.22 10.40 1.47
N TYR A 67 -1.20 10.34 0.57
CA TYR A 67 -1.09 9.55 -0.61
C TYR A 67 -0.21 10.12 -1.76
N SER A 68 0.34 11.31 -1.54
CA SER A 68 1.27 12.01 -2.46
C SER A 68 2.72 11.83 -2.04
N GLU A 69 2.93 11.33 -0.84
CA GLU A 69 4.25 11.17 -0.30
C GLU A 69 5.09 10.15 -1.08
N GLU A 70 6.40 10.25 -0.98
CA GLU A 70 7.28 9.30 -1.65
C GLU A 70 7.33 8.03 -0.81
N SER A 71 7.36 6.90 -1.49
CA SER A 71 7.40 5.60 -0.88
C SER A 71 8.78 4.97 -1.08
N PHE A 72 8.98 3.86 -0.37
CA PHE A 72 10.25 3.16 -0.38
C PHE A 72 9.97 1.66 -0.38
N GLU A 73 10.87 0.93 -1.03
CA GLU A 73 10.78 -0.53 -1.20
C GLU A 73 12.06 -1.30 -0.86
N PRO A 74 12.53 -1.17 0.39
CA PRO A 74 13.73 -1.88 0.76
C PRO A 74 13.42 -3.38 0.70
N THR A 75 14.41 -4.16 0.31
CA THR A 75 14.21 -5.58 0.08
C THR A 75 15.22 -6.47 0.76
N ASN A 76 14.82 -7.72 0.94
CA ASN A 76 15.67 -8.77 1.52
C ASN A 76 16.28 -8.34 2.84
N ILE A 77 15.41 -8.01 3.77
CA ILE A 77 15.83 -7.51 5.05
C ILE A 77 15.81 -8.58 6.10
N SER A 78 16.82 -8.54 6.98
CA SER A 78 16.91 -9.45 8.10
C SER A 78 16.73 -8.58 9.31
N VAL A 79 15.77 -8.93 10.17
CA VAL A 79 15.48 -8.11 11.33
C VAL A 79 14.69 -8.87 12.39
N LYS A 80 14.69 -8.30 13.59
CA LYS A 80 14.04 -8.84 14.77
C LYS A 80 13.27 -7.67 15.41
N SER A 81 12.09 -7.92 15.99
CA SER A 81 11.34 -6.79 16.56
C SER A 81 11.88 -6.38 17.90
N GLU A 82 11.85 -5.06 18.13
CA GLU A 82 12.25 -4.41 19.36
C GLU A 82 11.07 -3.58 19.83
N ASP A 83 11.11 -3.24 21.11
CA ASP A 83 10.12 -2.39 21.76
C ASP A 83 10.37 -0.94 21.39
N TYR A 84 9.30 -0.19 21.22
CA TYR A 84 9.40 1.27 21.00
C TYR A 84 8.28 1.90 21.84
N TYR A 85 8.57 2.16 23.10
CA TYR A 85 7.61 2.77 24.04
C TYR A 85 6.25 2.05 24.00
N GLY A 86 6.31 0.71 24.04
CA GLY A 86 5.10 -0.11 24.04
C GLY A 86 4.61 -0.67 22.71
N SER A 87 5.13 -0.17 21.59
CA SER A 87 4.78 -0.74 20.29
C SER A 87 5.97 -1.56 19.84
N ASN A 88 5.72 -2.64 19.13
CA ASN A 88 6.80 -3.45 18.60
C ASN A 88 7.12 -2.92 17.19
N VAL A 89 8.41 -2.74 16.91
CA VAL A 89 8.87 -2.23 15.65
C VAL A 89 10.06 -3.00 15.08
N LEU A 90 10.26 -2.81 13.78
CA LEU A 90 11.39 -3.38 13.07
C LEU A 90 12.32 -2.23 12.69
N ASN A 91 13.49 -2.17 13.30
CA ASN A 91 14.44 -1.12 12.95
C ASN A 91 15.52 -1.67 12.03
N PHE A 92 15.72 -0.99 10.90
CA PHE A 92 16.74 -1.37 9.96
C PHE A 92 17.03 -0.18 9.00
N LYS A 93 18.13 -0.33 8.25
CA LYS A 93 18.61 0.62 7.26
C LYS A 93 18.90 -0.06 5.92
N GLN A 94 18.84 0.71 4.85
CA GLN A 94 19.15 0.22 3.51
C GLN A 94 19.30 1.44 2.59
N ARG A 95 20.34 1.44 1.77
CA ARG A 95 20.61 2.57 0.85
C ARG A 95 20.54 3.94 1.56
N ASN A 96 21.20 4.02 2.72
CA ASN A 96 21.23 5.22 3.62
C ASN A 96 20.00 5.65 4.39
N LYS A 97 18.85 5.08 4.06
CA LYS A 97 17.61 5.33 4.79
C LYS A 97 17.43 4.41 5.96
N ALA A 98 16.95 4.97 7.07
CA ALA A 98 16.67 4.21 8.28
C ALA A 98 15.16 4.10 8.36
N PHE A 99 14.72 2.90 8.65
CA PHE A 99 13.33 2.61 8.68
C PHE A 99 12.89 2.11 10.06
N LYS A 100 11.68 2.46 10.46
CA LYS A 100 11.10 1.97 11.71
C LYS A 100 9.69 1.51 11.34
N VAL A 101 9.51 0.20 11.23
CA VAL A 101 8.24 -0.39 10.80
C VAL A 101 7.47 -0.93 11.99
N PHE A 102 6.30 -0.33 12.22
CA PHE A 102 5.45 -0.66 13.36
C PHE A 102 4.66 -1.92 13.10
N LEU A 103 4.51 -2.70 14.16
CA LEU A 103 3.76 -3.95 14.13
C LEU A 103 2.64 -3.75 15.10
N LEU A 104 1.44 -3.75 14.56
CA LEU A 104 0.23 -3.47 15.30
C LEU A 104 -0.79 -4.57 15.06
N GLY A 105 -1.78 -4.59 15.93
CA GLY A 105 -2.90 -5.53 15.86
C GLY A 105 -2.51 -6.98 15.89
N ASP A 106 -3.12 -7.75 14.99
CA ASP A 106 -2.86 -9.17 14.89
C ASP A 106 -1.37 -9.48 14.64
N ASP A 107 -0.63 -8.56 14.00
CA ASP A 107 0.80 -8.82 13.68
C ASP A 107 1.77 -8.29 14.75
N LYS A 108 1.20 -7.80 15.84
CA LYS A 108 1.97 -7.16 16.91
C LYS A 108 3.15 -7.96 17.42
N ASN A 109 2.98 -9.27 17.50
CA ASN A 109 4.02 -10.12 18.05
C ASN A 109 4.62 -11.05 17.04
N LYS A 110 4.63 -10.62 15.78
CA LYS A 110 5.03 -11.53 14.72
C LYS A 110 6.50 -11.73 14.35
N TYR A 111 7.41 -10.85 14.76
CA TYR A 111 8.79 -11.09 14.33
C TYR A 111 9.78 -11.07 15.49
N LYS A 112 9.42 -11.73 16.59
CA LYS A 112 10.28 -11.73 17.77
C LYS A 112 11.60 -12.44 17.49
N GLU A 113 11.57 -13.47 16.65
CA GLU A 113 12.79 -14.16 16.28
C GLU A 113 13.32 -13.44 15.05
N LYS A 114 14.64 -13.40 14.87
CA LYS A 114 15.22 -12.75 13.70
C LYS A 114 14.66 -13.43 12.45
N THR A 115 14.08 -12.64 11.57
CA THR A 115 13.46 -13.13 10.35
C THR A 115 14.22 -12.63 9.13
N HIS A 116 14.41 -13.52 8.17
CA HIS A 116 15.17 -13.16 7.00
C HIS A 116 14.36 -13.14 5.74
N GLY A 117 14.90 -12.45 4.75
CA GLY A 117 14.28 -12.37 3.44
C GLY A 117 12.99 -11.59 3.38
N LEU A 118 12.87 -10.52 4.15
CA LEU A 118 11.64 -9.75 4.13
C LEU A 118 11.75 -8.52 3.24
N ASP A 119 10.63 -8.19 2.61
CA ASP A 119 10.51 -6.99 1.80
C ASP A 119 9.58 -6.06 2.53
N VAL A 120 9.81 -4.76 2.41
CA VAL A 120 8.97 -3.78 3.07
C VAL A 120 8.57 -2.64 2.16
N PHE A 121 7.27 -2.34 2.13
CA PHE A 121 6.77 -1.23 1.37
C PHE A 121 6.51 -0.19 2.44
N ALA A 122 7.24 0.90 2.36
CA ALA A 122 7.17 1.91 3.42
C ALA A 122 6.63 3.23 2.96
N VAL A 123 5.73 3.76 3.77
CA VAL A 123 5.13 5.05 3.52
C VAL A 123 5.25 5.74 4.85
N PRO A 124 5.72 6.98 4.87
CA PRO A 124 5.85 7.53 6.21
C PRO A 124 4.59 8.06 6.85
N GLU A 125 4.43 7.76 8.11
CA GLU A 125 3.45 8.39 8.94
C GLU A 125 4.02 9.64 9.56
N LEU A 126 5.32 9.63 9.69
CA LEU A 126 6.13 10.69 10.21
C LEU A 126 7.51 10.43 9.69
N ILE A 127 8.25 11.46 9.41
CA ILE A 127 9.66 11.36 9.18
C ILE A 127 10.35 12.09 10.30
N ASP A 128 11.29 11.46 10.97
CA ASP A 128 11.87 12.17 12.13
C ASP A 128 12.93 13.23 11.80
N ILE A 129 13.43 13.86 12.85
CA ILE A 129 14.41 14.91 12.71
C ILE A 129 15.76 14.48 12.16
N LYS A 130 15.99 13.18 12.09
CA LYS A 130 17.20 12.61 11.53
C LYS A 130 16.86 11.94 10.17
N GLY A 131 15.63 12.05 9.70
CA GLY A 131 15.20 11.45 8.43
C GLY A 131 14.64 10.05 8.50
N GLY A 132 14.55 9.46 9.69
CA GLY A 132 13.98 8.10 9.81
C GLY A 132 12.54 8.06 9.30
N ILE A 133 12.20 6.96 8.64
CA ILE A 133 10.91 6.70 8.08
C ILE A 133 10.13 5.73 8.99
N TYR A 134 9.10 6.27 9.65
CA TYR A 134 8.23 5.51 10.53
C TYR A 134 7.06 5.07 9.69
N SER A 135 6.94 3.75 9.42
CA SER A 135 5.83 3.23 8.59
C SER A 135 5.12 2.09 9.32
N VAL A 136 3.89 1.79 8.90
CA VAL A 136 3.09 0.72 9.47
C VAL A 136 2.90 -0.43 8.46
N GLY A 137 3.25 -1.64 8.86
CA GLY A 137 3.04 -2.83 8.01
C GLY A 137 3.84 -2.92 6.74
N GLY A 138 3.19 -3.42 5.67
CA GLY A 138 3.85 -3.52 4.40
C GLY A 138 4.93 -4.57 4.27
N ILE A 139 4.89 -5.58 5.14
CA ILE A 139 5.91 -6.63 5.21
C ILE A 139 5.49 -7.85 4.43
N THR A 140 6.31 -8.25 3.47
CA THR A 140 6.02 -9.43 2.63
C THR A 140 7.26 -10.29 2.56
N LYS A 141 7.10 -11.52 2.11
CA LYS A 141 8.22 -12.41 1.90
C LYS A 141 8.79 -12.12 0.52
N LYS A 142 10.11 -12.01 0.42
CA LYS A 142 10.73 -11.71 -0.88
C LYS A 142 10.47 -12.79 -1.91
N ASN A 143 10.66 -12.46 -3.18
CA ASN A 143 10.46 -13.45 -4.25
C ASN A 143 11.42 -14.59 -4.10
N VAL A 144 10.94 -15.81 -4.33
CA VAL A 144 11.77 -17.01 -4.27
C VAL A 144 12.59 -17.07 -5.58
N ARG A 145 13.76 -17.70 -5.54
CA ARG A 145 14.60 -17.77 -6.75
C ARG A 145 13.89 -18.31 -7.99
N SER A 146 14.25 -17.73 -9.15
CA SER A 146 13.66 -18.11 -10.44
C SER A 146 14.69 -18.06 -11.56
N GLY A 149 12.16 -15.24 -13.60
CA GLY A 149 11.53 -13.93 -13.84
C GLY A 149 10.09 -13.82 -13.33
N PHE A 150 9.73 -12.66 -12.77
CA PHE A 150 8.39 -12.42 -12.23
C PHE A 150 7.89 -10.99 -12.35
N VAL A 151 6.71 -10.88 -12.97
CA VAL A 151 6.03 -9.63 -13.17
C VAL A 151 4.59 -10.02 -13.37
N SER A 152 3.70 -9.36 -12.65
CA SER A 152 2.26 -9.57 -12.81
C SER A 152 1.81 -8.29 -13.50
N ASN A 153 0.76 -8.39 -14.29
CA ASN A 153 0.28 -7.25 -15.04
C ASN A 153 -1.25 -7.30 -15.12
N PRO A 154 -1.91 -7.20 -13.96
CA PRO A 154 -3.37 -7.21 -13.92
C PRO A 154 -3.95 -5.96 -14.55
N SER A 155 -5.11 -6.08 -15.18
CA SER A 155 -5.74 -4.91 -15.80
C SER A 155 -6.17 -3.96 -14.68
N LEU A 156 -6.25 -2.68 -14.99
CA LEU A 156 -6.65 -1.66 -14.04
C LEU A 156 -7.47 -0.67 -14.82
N GLN A 157 -8.74 -0.52 -14.45
CA GLN A 157 -9.63 0.41 -15.10
C GLN A 157 -10.12 1.41 -14.09
N VAL A 158 -10.16 2.67 -14.48
CA VAL A 158 -10.68 3.72 -13.65
C VAL A 158 -11.93 4.17 -14.38
N LYS A 159 -13.06 4.18 -13.67
CA LYS A 159 -14.30 4.54 -14.29
C LYS A 159 -15.29 5.37 -13.48
N LYS A 160 -16.13 6.07 -14.21
CA LYS A 160 -17.22 6.80 -13.62
C LYS A 160 -18.42 6.22 -14.35
N VAL A 161 -19.29 5.56 -13.61
CA VAL A 161 -20.41 4.90 -14.25
C VAL A 161 -21.77 5.21 -13.56
N ASP A 162 -21.80 6.23 -12.70
CA ASP A 162 -23.02 6.61 -11.97
C ASP A 162 -23.79 7.81 -12.58
N ALA A 163 -23.52 8.13 -13.83
CA ALA A 163 -24.20 9.25 -14.46
C ALA A 163 -24.43 8.98 -15.94
N LYS A 164 -25.07 9.93 -16.63
CA LYS A 164 -25.34 9.83 -18.05
C LYS A 164 -24.01 9.84 -18.81
N ASN A 165 -23.21 10.86 -18.55
CA ASN A 165 -21.93 11.03 -19.21
C ASN A 165 -20.84 10.50 -18.29
N GLY A 166 -20.21 9.39 -18.65
CA GLY A 166 -19.14 8.83 -17.83
C GLY A 166 -17.92 8.48 -18.65
N PHE A 167 -17.05 7.67 -18.05
CA PHE A 167 -15.85 7.26 -18.71
C PHE A 167 -15.34 6.00 -18.15
N SER A 168 -14.50 5.36 -18.92
CA SER A 168 -13.84 4.12 -18.54
C SER A 168 -12.45 4.13 -19.17
N ILE A 169 -11.39 4.04 -18.39
CA ILE A 169 -10.02 4.15 -18.90
C ILE A 169 -9.08 3.10 -18.31
N ASN A 170 -8.36 2.40 -19.18
CA ASN A 170 -7.35 1.42 -18.75
C ASN A 170 -6.04 2.09 -18.44
N GLU A 171 -5.38 1.58 -17.42
CA GLU A 171 -4.08 2.05 -16.96
C GLU A 171 -3.17 0.84 -16.93
N LEU A 172 -1.87 1.04 -17.07
CA LEU A 172 -0.94 -0.08 -17.11
C LEU A 172 -0.25 -0.20 -15.73
N PHE A 173 -0.51 -1.32 -15.08
CA PHE A 173 -0.04 -1.57 -13.75
C PHE A 173 0.81 -2.86 -13.65
N PHE A 174 2.08 -2.75 -13.32
CA PHE A 174 2.95 -3.92 -13.16
C PHE A 174 3.22 -4.16 -11.68
N ILE A 175 3.24 -5.42 -11.25
CA ILE A 175 3.55 -5.71 -9.86
C ILE A 175 4.74 -6.65 -9.96
N GLN A 176 5.87 -6.25 -9.39
CA GLN A 176 7.10 -7.07 -9.51
C GLN A 176 7.38 -8.00 -8.35
N LYS A 177 6.45 -8.10 -7.44
CA LYS A 177 6.61 -8.95 -6.29
C LYS A 177 5.62 -10.06 -6.38
N GLU A 178 6.09 -11.23 -6.04
CA GLU A 178 5.30 -12.43 -6.01
C GLU A 178 4.21 -12.30 -4.90
N GLU A 179 4.60 -11.75 -3.76
CA GLU A 179 3.69 -11.52 -2.66
C GLU A 179 3.66 -10.01 -2.45
N VAL A 180 2.47 -9.41 -2.51
CA VAL A 180 2.33 -7.94 -2.38
C VAL A 180 1.35 -7.62 -1.29
N SER A 181 1.54 -6.47 -0.64
CA SER A 181 0.67 -6.05 0.45
C SER A 181 -0.44 -5.20 -0.10
N LEU A 182 -1.58 -5.29 0.56
CA LEU A 182 -2.71 -4.46 0.19
C LEU A 182 -2.29 -2.97 0.36
N LYS A 183 -1.43 -2.69 1.35
CA LYS A 183 -0.92 -1.38 1.62
C LYS A 183 -0.32 -0.83 0.36
N GLU A 184 0.47 -1.66 -0.33
CA GLU A 184 1.17 -1.19 -1.53
C GLU A 184 0.22 -0.88 -2.67
N LEU A 185 -0.74 -1.77 -2.88
CA LEU A 185 -1.71 -1.58 -3.95
C LEU A 185 -2.52 -0.31 -3.71
N ASP A 186 -3.01 -0.18 -2.50
CA ASP A 186 -3.77 0.99 -2.11
C ASP A 186 -2.98 2.27 -2.33
N PHE A 187 -1.73 2.27 -1.93
CA PHE A 187 -0.94 3.47 -2.04
C PHE A 187 -0.65 3.85 -3.48
N LYS A 188 -0.17 2.90 -4.26
CA LYS A 188 0.20 3.21 -5.64
C LYS A 188 -1.00 3.58 -6.51
N ILE A 189 -2.14 2.94 -6.27
CA ILE A 189 -3.32 3.25 -7.06
C ILE A 189 -3.83 4.65 -6.70
N ARG A 190 -3.89 4.97 -5.41
CA ARG A 190 -4.33 6.29 -5.01
C ARG A 190 -3.42 7.40 -5.53
N LYS A 191 -2.12 7.16 -5.50
CA LYS A 191 -1.16 8.13 -6.01
C LYS A 191 -1.41 8.42 -7.49
N LEU A 192 -1.66 7.37 -8.26
CA LEU A 192 -2.01 7.52 -9.68
C LEU A 192 -3.34 8.27 -9.82
N LEU A 193 -4.33 7.96 -8.97
CA LEU A 193 -5.62 8.67 -9.05
C LEU A 193 -5.44 10.13 -8.72
N ILE A 194 -4.58 10.43 -7.76
CA ILE A 194 -4.29 11.83 -7.46
C ILE A 194 -3.65 12.55 -8.64
N GLU A 195 -2.60 12.00 -9.23
CA GLU A 195 -1.89 12.69 -10.32
C GLU A 195 -2.68 12.77 -11.63
N LYS A 196 -3.30 11.67 -12.03
CA LYS A 196 -4.01 11.64 -13.33
C LYS A 196 -5.43 12.09 -13.22
N TYR A 197 -6.11 11.76 -12.11
CA TYR A 197 -7.53 12.10 -11.99
C TYR A 197 -7.88 13.20 -11.00
N ARG A 198 -6.86 13.78 -10.38
CA ARG A 198 -7.04 14.82 -9.38
C ARG A 198 -7.90 14.42 -8.17
N LEU A 199 -7.79 13.17 -7.75
CA LEU A 199 -8.39 12.73 -6.51
C LEU A 199 -7.86 13.55 -5.37
N TYR A 200 -8.76 13.96 -4.51
CA TYR A 200 -8.51 14.87 -3.40
C TYR A 200 -8.07 16.30 -3.78
N LYS A 201 -8.05 16.64 -5.05
CA LYS A 201 -7.81 17.99 -5.45
C LYS A 201 -8.61 18.31 -6.62
N GLY A 202 -9.90 18.21 -6.54
CA GLY A 202 -10.68 18.35 -7.73
C GLY A 202 -11.72 17.29 -7.85
N THR A 203 -11.28 16.07 -7.95
CA THR A 203 -12.19 14.98 -7.99
C THR A 203 -12.63 14.54 -6.63
N SER A 204 -13.91 14.31 -6.49
CA SER A 204 -14.53 13.90 -5.26
C SER A 204 -13.97 12.62 -4.69
N ASP A 205 -13.93 12.55 -3.38
CA ASP A 205 -13.39 11.42 -2.65
C ASP A 205 -14.39 10.24 -2.55
N LYS A 206 -15.57 10.38 -3.14
CA LYS A 206 -16.52 9.29 -3.14
C LYS A 206 -16.13 8.32 -4.23
N GLY A 207 -15.77 7.11 -3.83
CA GLY A 207 -15.38 6.10 -4.75
C GLY A 207 -14.74 4.92 -4.06
N ARG A 208 -14.35 3.93 -4.86
CA ARG A 208 -13.73 2.75 -4.35
C ARG A 208 -12.79 2.08 -5.33
N ILE A 209 -11.83 1.37 -4.76
CA ILE A 209 -10.91 0.52 -5.46
C ILE A 209 -11.37 -0.89 -5.13
N VAL A 210 -11.54 -1.72 -6.15
CA VAL A 210 -11.90 -3.12 -5.95
C VAL A 210 -10.84 -3.99 -6.64
N ILE A 211 -10.19 -4.83 -5.84
CA ILE A 211 -9.20 -5.76 -6.33
C ILE A 211 -9.87 -7.11 -6.34
N ASN A 212 -10.13 -7.63 -7.53
CA ASN A 212 -10.77 -8.92 -7.66
C ASN A 212 -9.74 -10.00 -7.79
N MET A 213 -9.88 -11.05 -6.98
CA MET A 213 -8.99 -12.21 -6.98
C MET A 213 -9.54 -13.31 -7.90
N LYS A 214 -8.67 -14.14 -8.47
CA LYS A 214 -9.11 -15.22 -9.38
C LYS A 214 -10.12 -16.16 -8.70
N ASP A 215 -9.98 -16.28 -7.38
CA ASP A 215 -10.89 -16.96 -6.44
C ASP A 215 -12.27 -16.38 -6.48
N GLU A 216 -12.34 -15.17 -7.00
CA GLU A 216 -13.57 -14.45 -7.07
C GLU A 216 -13.72 -13.66 -5.73
N LYS A 217 -12.80 -13.84 -4.78
CA LYS A 217 -12.81 -13.03 -3.55
C LYS A 217 -12.37 -11.62 -3.99
N LYS A 218 -12.57 -10.63 -3.13
CA LYS A 218 -12.12 -9.29 -3.47
C LYS A 218 -11.76 -8.44 -2.27
N HIS A 219 -10.99 -7.39 -2.53
CA HIS A 219 -10.60 -6.45 -1.50
C HIS A 219 -11.15 -5.09 -1.93
N GLU A 220 -12.02 -4.53 -1.10
CA GLU A 220 -12.60 -3.21 -1.35
C GLU A 220 -12.02 -2.13 -0.43
N ILE A 221 -11.66 -1.01 -1.03
CA ILE A 221 -11.08 0.12 -0.36
C ILE A 221 -11.92 1.35 -0.66
N ASP A 222 -12.37 2.02 0.40
CA ASP A 222 -13.19 3.23 0.26
C ASP A 222 -12.23 4.43 0.14
N LEU A 223 -12.29 5.14 -0.98
CA LEU A 223 -11.43 6.30 -1.22
C LEU A 223 -11.63 7.48 -0.28
N SER A 224 -12.79 7.54 0.39
CA SER A 224 -13.11 8.65 1.29
C SER A 224 -12.41 8.58 2.66
N GLU A 225 -11.68 7.50 2.91
CA GLU A 225 -10.96 7.32 4.14
C GLU A 225 -9.60 6.72 3.83
N LYS A 226 -8.67 6.90 4.75
CA LYS A 226 -7.33 6.33 4.66
C LYS A 226 -7.42 4.86 5.02
N LEU A 227 -6.60 4.03 4.38
CA LEU A 227 -6.66 2.59 4.70
C LEU A 227 -6.43 2.44 6.22
N SER A 228 -7.15 1.54 6.90
CA SER A 228 -6.97 1.38 8.34
C SER A 228 -5.59 0.81 8.57
N PHE A 229 -4.99 1.07 9.72
CA PHE A 229 -3.70 0.50 10.02
C PHE A 229 -3.70 -1.02 10.01
N GLU A 230 -4.79 -1.62 10.45
CA GLU A 230 -4.81 -3.07 10.47
C GLU A 230 -4.74 -3.75 9.08
N ARG A 231 -5.26 -3.08 8.06
CA ARG A 231 -5.25 -3.64 6.73
C ARG A 231 -3.90 -3.41 6.04
N MET A 232 -3.06 -2.60 6.65
CA MET A 232 -1.73 -2.36 6.13
C MET A 232 -0.83 -3.59 6.32
N PHE A 233 -1.34 -4.63 6.99
CA PHE A 233 -0.57 -5.88 7.16
C PHE A 233 -1.03 -6.99 6.23
N ASP A 234 -2.22 -6.87 5.64
CA ASP A 234 -2.71 -7.90 4.73
C ASP A 234 -1.82 -8.01 3.51
N VAL A 235 -1.68 -9.25 3.08
CA VAL A 235 -0.84 -9.66 2.00
C VAL A 235 -1.60 -10.59 1.05
N MET A 236 -1.14 -10.70 -0.20
CA MET A 236 -1.77 -11.60 -1.17
C MET A 236 -0.76 -11.95 -2.27
N ASP A 237 -1.03 -13.02 -3.01
CA ASP A 237 -0.18 -13.46 -4.13
C ASP A 237 -0.58 -12.62 -5.32
N SER A 238 0.36 -11.87 -5.88
CA SER A 238 0.01 -10.96 -6.96
C SER A 238 -0.49 -11.66 -8.23
N LYS A 239 -0.13 -12.93 -8.41
CA LYS A 239 -0.57 -13.62 -9.60
C LYS A 239 -2.06 -14.03 -9.48
N GLN A 240 -2.63 -13.91 -8.28
CA GLN A 240 -4.01 -14.25 -8.06
C GLN A 240 -4.95 -13.09 -8.26
N ILE A 241 -4.41 -11.91 -8.55
CA ILE A 241 -5.24 -10.75 -8.80
C ILE A 241 -5.75 -10.86 -10.24
N LYS A 242 -7.07 -10.98 -10.38
CA LYS A 242 -7.70 -11.07 -11.68
C LYS A 242 -7.73 -9.69 -12.34
N ASN A 243 -8.27 -8.70 -11.64
CA ASN A 243 -8.34 -7.35 -12.17
C ASN A 243 -8.54 -6.35 -11.05
N ILE A 244 -8.36 -5.09 -11.36
CA ILE A 244 -8.54 -4.04 -10.41
C ILE A 244 -9.45 -3.01 -11.06
N GLU A 245 -10.48 -2.64 -10.33
CA GLU A 245 -11.43 -1.68 -10.85
C GLU A 245 -11.61 -0.55 -9.89
N VAL A 246 -11.52 0.68 -10.37
CA VAL A 246 -11.74 1.83 -9.56
C VAL A 246 -13.00 2.54 -10.08
N ASN A 247 -13.87 2.92 -9.16
CA ASN A 247 -15.09 3.66 -9.45
C ASN A 247 -14.94 5.01 -8.79
N LEU A 248 -15.09 6.06 -9.60
CA LEU A 248 -15.03 7.43 -9.17
C LEU A 248 -16.47 7.92 -9.28
N ASN A 249 -17.14 8.04 -8.14
CA ASN A 249 -18.55 8.44 -8.11
C ASN A 249 -18.69 9.94 -7.83
#